data_1JSD
#
_entry.id   1JSD
#
_cell.length_a   108.5
_cell.length_b   108.5
_cell.length_c   149.3
_cell.angle_alpha   90
_cell.angle_beta   90
_cell.angle_gamma   120
#
_symmetry.space_group_name_H-M   'P 63'
#
loop_
_entity.id
_entity.type
_entity.pdbx_description
1 polymer 'HAEMAGGLUTININ (HA1 CHAIN)'
2 polymer 'HAEMAGGLUTININ (HA2 CHAIN)'
3 branched 2-acetamido-2-deoxy-beta-D-glucopyranose-(1-4)-2-acetamido-2-deoxy-beta-D-glucopyranose
4 non-polymer 2-acetamido-2-deoxy-beta-D-glucopyranose
5 non-polymer 'PHOSPHATE ION'
6 water water
#
loop_
_entity_poly.entity_id
_entity_poly.type
_entity_poly.pdbx_seq_one_letter_code
_entity_poly.pdbx_strand_id
1 'polypeptide(L)'
;DKICIGYQSTNSTETVDTLTETNVPVTHAKELLHTSHNGMLCATNLGHPLILDTCTIEGLIYGNPSCDLLLGGREWSYIV
ERPSAVNGMCYPGNVENLEELRSLFSSASSYQRIQIFPDTIWNVSYSGTSSACSDSFYRSMRWLTQKNNAYPIQDAQYTN
NRGKSILFMWGINHPPTDTVQTNLYTRTDTTTSVTTEDINRTFKPVIGPRPLVNGLHGRIDYYWSVLKPGQTLRVRSNGN
LIAPWYGHILSGESHGRILKTDLNSGNCVVQCQTERGGLNTTLPFHNVSKYAFGNCPKYVGVKSLKLAVGLRNVPARSS
;
A
2 'polypeptide(L)'
;GLFGAIAGFIEGGWPGLVAGWYGFQHSNDQGVGMAADSDSTQKAIDKITSKVNNIVDKMNKQYGIIDHEFSEIETRLNMI
NNKIDDQIQDIWTYNAELLVLLENQKTLDEHDANVNNLYNKVKRALGSNAMEDGKGCFELYHKCDDQCMETIRNGTYNRR
KYKEESKLERQKIEGI
;
B
#
loop_
_chem_comp.id
_chem_comp.type
_chem_comp.name
_chem_comp.formula
NAG D-saccharide, beta linking 2-acetamido-2-deoxy-beta-D-glucopyranose 'C8 H15 N O6'
PO4 non-polymer 'PHOSPHATE ION' 'O4 P -3'
#
# COMPACT_ATOMS: atom_id res chain seq x y z
N ASP A 1 -37.40 33.67 39.55
CA ASP A 1 -36.40 32.57 39.41
C ASP A 1 -36.64 31.82 38.11
N LYS A 2 -35.57 31.28 37.53
CA LYS A 2 -35.72 30.55 36.28
C LYS A 2 -34.60 29.55 36.08
N ILE A 3 -34.86 28.56 35.22
CA ILE A 3 -33.86 27.57 34.89
C ILE A 3 -33.88 27.45 33.37
N CYS A 4 -32.70 27.40 32.77
CA CYS A 4 -32.57 27.35 31.31
C CYS A 4 -31.79 26.14 30.84
N ILE A 5 -32.07 25.72 29.62
CA ILE A 5 -31.37 24.60 29.01
C ILE A 5 -30.46 25.21 27.96
N GLY A 6 -29.23 24.72 27.89
CA GLY A 6 -28.30 25.25 26.92
C GLY A 6 -27.29 24.23 26.46
N TYR A 7 -26.36 24.67 25.62
CA TYR A 7 -25.34 23.79 25.09
C TYR A 7 -24.02 24.53 25.00
N GLN A 8 -22.94 23.75 24.94
CA GLN A 8 -21.60 24.28 24.91
C GLN A 8 -21.12 24.98 23.64
N SER A 9 -20.34 26.04 23.86
CA SER A 9 -19.71 26.80 22.79
C SER A 9 -18.24 26.86 23.21
N THR A 10 -17.32 26.81 22.27
CA THR A 10 -15.88 26.88 22.59
C THR A 10 -15.16 27.72 21.56
N ASN A 11 -13.85 27.91 21.76
CA ASN A 11 -13.05 28.68 20.82
C ASN A 11 -12.43 27.77 19.75
N SER A 12 -12.99 26.58 19.61
CA SER A 12 -12.53 25.64 18.61
C SER A 12 -12.66 26.31 17.24
N THR A 13 -11.70 26.08 16.36
CA THR A 13 -11.77 26.63 15.01
C THR A 13 -12.05 25.49 14.02
N GLU A 14 -12.33 24.31 14.56
CA GLU A 14 -12.61 23.13 13.74
C GLU A 14 -13.91 23.32 12.96
N THR A 15 -13.93 22.81 11.73
CA THR A 15 -15.13 22.88 10.91
C THR A 15 -15.23 21.57 10.16
N VAL A 16 -16.45 21.20 9.79
CA VAL A 16 -16.68 19.97 9.03
C VAL A 16 -17.67 20.30 7.93
N ASP A 17 -17.79 19.38 6.96
CA ASP A 17 -18.73 19.59 5.86
C ASP A 17 -19.83 18.53 5.92
N THR A 18 -20.98 18.88 5.35
CA THR A 18 -22.10 17.96 5.25
C THR A 18 -22.57 18.15 3.81
N LEU A 19 -23.65 17.50 3.41
CA LEU A 19 -24.11 17.63 2.05
C LEU A 19 -24.90 18.95 1.87
N THR A 20 -25.52 19.43 2.95
CA THR A 20 -26.31 20.66 2.88
C THR A 20 -25.63 21.90 3.42
N GLU A 21 -24.34 21.80 3.73
CA GLU A 21 -23.59 22.94 4.26
C GLU A 21 -22.11 22.62 4.38
N THR A 22 -21.25 23.58 4.09
CA THR A 22 -19.81 23.36 4.19
C THR A 22 -19.18 24.31 5.20
N ASN A 23 -18.07 23.88 5.80
CA ASN A 23 -17.36 24.67 6.81
C ASN A 23 -18.22 24.97 8.04
N VAL A 24 -18.94 23.96 8.51
CA VAL A 24 -19.79 24.09 9.68
C VAL A 24 -18.87 24.09 10.90
N PRO A 25 -18.93 25.13 11.74
CA PRO A 25 -18.08 25.18 12.93
C PRO A 25 -18.56 24.15 13.94
N VAL A 26 -17.64 23.40 14.53
CA VAL A 26 -18.01 22.41 15.54
C VAL A 26 -17.10 22.52 16.76
N THR A 27 -17.58 22.07 17.90
CA THR A 27 -16.82 22.13 19.13
C THR A 27 -15.68 21.11 19.15
N HIS A 28 -15.93 19.95 18.55
CA HIS A 28 -14.93 18.88 18.51
C HIS A 28 -15.04 18.09 17.21
N ALA A 29 -13.89 17.71 16.66
CA ALA A 29 -13.85 16.94 15.42
C ALA A 29 -12.65 16.01 15.41
N LYS A 30 -12.67 15.03 14.51
CA LYS A 30 -11.55 14.10 14.41
C LYS A 30 -11.11 13.91 12.97
N GLU A 31 -9.84 14.18 12.71
CA GLU A 31 -9.29 14.00 11.37
C GLU A 31 -9.09 12.50 11.17
N LEU A 32 -9.70 11.93 10.14
CA LEU A 32 -9.58 10.50 9.87
C LEU A 32 -8.51 10.18 8.84
N LEU A 33 -7.92 11.20 8.23
CA LEU A 33 -6.91 11.01 7.21
C LEU A 33 -5.49 11.27 7.68
N HIS A 34 -4.62 10.27 7.50
CA HIS A 34 -3.21 10.40 7.86
C HIS A 34 -2.50 10.93 6.62
N THR A 35 -1.72 11.99 6.78
CA THR A 35 -1.05 12.59 5.63
C THR A 35 0.47 12.69 5.70
N SER A 36 1.07 12.18 6.77
CA SER A 36 2.52 12.26 6.93
C SER A 36 3.25 10.95 6.68
N HIS A 37 4.51 11.06 6.27
CA HIS A 37 5.36 9.89 6.03
C HIS A 37 6.79 10.31 6.39
N ASN A 38 7.67 9.33 6.60
CA ASN A 38 9.05 9.62 6.97
C ASN A 38 10.05 9.85 5.84
N GLY A 39 9.57 9.86 4.60
CA GLY A 39 10.45 10.08 3.46
C GLY A 39 11.60 9.10 3.30
N MET A 40 11.44 7.89 3.82
CA MET A 40 12.47 6.86 3.72
C MET A 40 11.93 5.49 3.34
N LEU A 41 12.83 4.63 2.87
CA LEU A 41 12.50 3.26 2.54
C LEU A 41 12.98 2.50 3.77
N CYS A 42 12.05 1.87 4.48
CA CYS A 42 12.38 1.14 5.69
C CYS A 42 11.96 -0.32 5.59
N ALA A 43 12.17 -1.04 6.68
CA ALA A 43 11.78 -2.44 6.74
C ALA A 43 10.32 -2.45 7.17
N THR A 44 9.61 -3.53 6.85
CA THR A 44 8.21 -3.68 7.23
C THR A 44 8.17 -4.89 8.15
N ASN A 45 6.98 -5.36 8.46
CA ASN A 45 6.84 -6.52 9.31
C ASN A 45 7.43 -7.77 8.64
N LEU A 46 7.69 -7.68 7.33
CA LEU A 46 8.26 -8.81 6.61
C LEU A 46 9.78 -8.69 6.48
N GLY A 47 10.36 -7.64 7.04
CA GLY A 47 11.80 -7.50 6.98
C GLY A 47 12.31 -6.36 6.11
N HIS A 48 13.61 -6.39 5.85
CA HIS A 48 14.28 -5.35 5.05
C HIS A 48 14.18 -5.57 3.56
N PRO A 49 14.14 -4.49 2.79
CA PRO A 49 14.04 -4.61 1.33
C PRO A 49 15.38 -4.95 0.69
N LEU A 50 15.32 -5.53 -0.51
CA LEU A 50 16.51 -5.84 -1.27
C LEU A 50 16.72 -4.59 -2.11
N ILE A 51 17.78 -3.85 -1.84
CA ILE A 51 18.05 -2.62 -2.58
C ILE A 51 19.12 -2.84 -3.63
N LEU A 52 18.72 -2.72 -4.90
CA LEU A 52 19.62 -2.93 -6.02
C LEU A 52 20.10 -1.57 -6.53
N ASP A 53 21.32 -1.19 -6.18
CA ASP A 53 21.85 0.10 -6.62
C ASP A 53 22.65 0.07 -7.91
N THR A 54 23.22 -1.08 -8.27
CA THR A 54 24.00 -1.15 -9.50
C THR A 54 23.52 -2.23 -10.46
N CYS A 55 22.77 -3.20 -9.94
CA CYS A 55 22.27 -4.30 -10.76
C CYS A 55 20.75 -4.39 -10.84
N THR A 56 20.25 -4.76 -12.02
CA THR A 56 18.81 -4.90 -12.21
C THR A 56 18.43 -6.32 -11.83
N ILE A 57 17.13 -6.58 -11.67
CA ILE A 57 16.68 -7.91 -11.29
C ILE A 57 17.19 -8.97 -12.24
N GLU A 58 17.10 -8.75 -13.55
CA GLU A 58 17.58 -9.77 -14.48
C GLU A 58 19.10 -9.89 -14.43
N GLY A 59 19.79 -8.81 -14.09
CA GLY A 59 21.24 -8.88 -13.99
C GLY A 59 21.60 -9.84 -12.86
N LEU A 60 20.84 -9.78 -11.78
CA LEU A 60 21.05 -10.65 -10.62
C LEU A 60 20.70 -12.09 -10.99
N ILE A 61 19.55 -12.28 -11.60
CA ILE A 61 19.11 -13.63 -11.97
C ILE A 61 20.10 -14.35 -12.89
N TYR A 62 20.54 -13.69 -13.95
CA TYR A 62 21.48 -14.29 -14.90
C TYR A 62 22.93 -14.24 -14.40
N GLY A 63 23.18 -13.52 -13.32
CA GLY A 63 24.52 -13.44 -12.78
C GLY A 63 25.51 -12.57 -13.51
N ASN A 64 25.08 -11.37 -13.88
CA ASN A 64 25.97 -10.42 -14.55
C ASN A 64 27.24 -10.40 -13.69
N PRO A 65 28.43 -10.52 -14.31
CA PRO A 65 29.69 -10.52 -13.54
C PRO A 65 29.93 -9.31 -12.64
N SER A 66 29.12 -8.27 -12.77
CA SER A 66 29.28 -7.09 -11.92
C SER A 66 28.37 -7.17 -10.69
N CYS A 67 27.63 -8.27 -10.56
CA CYS A 67 26.70 -8.42 -9.45
C CYS A 67 27.10 -9.53 -8.47
N ASP A 68 28.40 -9.81 -8.35
CA ASP A 68 28.84 -10.88 -7.46
C ASP A 68 28.41 -10.77 -6.00
N LEU A 69 28.22 -9.55 -5.51
CA LEU A 69 27.79 -9.36 -4.12
C LEU A 69 26.45 -10.05 -3.87
N LEU A 70 25.72 -10.34 -4.95
CA LEU A 70 24.41 -10.96 -4.82
C LEU A 70 24.40 -12.49 -4.98
N LEU A 71 25.55 -13.07 -5.33
CA LEU A 71 25.65 -14.51 -5.52
C LEU A 71 25.30 -15.35 -4.29
N GLY A 72 25.59 -14.80 -3.11
CA GLY A 72 25.33 -15.51 -1.86
C GLY A 72 23.89 -15.76 -1.46
N GLY A 73 22.95 -15.08 -2.12
CA GLY A 73 21.55 -15.26 -1.78
C GLY A 73 21.05 -14.17 -0.85
N ARG A 74 19.77 -13.84 -0.97
CA ARG A 74 19.16 -12.79 -0.15
C ARG A 74 17.72 -13.12 0.15
N GLU A 75 17.13 -12.40 1.09
CA GLU A 75 15.72 -12.52 1.42
C GLU A 75 15.24 -11.10 1.61
N TRP A 76 13.99 -10.83 1.27
CA TRP A 76 13.50 -9.46 1.34
C TRP A 76 12.00 -9.37 1.55
N SER A 77 11.54 -8.16 1.89
CA SER A 77 10.14 -7.85 2.08
C SER A 77 9.65 -7.25 0.77
N TYR A 78 10.50 -6.44 0.14
CA TYR A 78 10.22 -5.82 -1.16
C TYR A 78 11.54 -5.49 -1.86
N ILE A 79 11.47 -5.17 -3.14
CA ILE A 79 12.65 -4.86 -3.94
C ILE A 79 12.67 -3.40 -4.37
N VAL A 80 13.85 -2.79 -4.30
CA VAL A 80 14.02 -1.41 -4.72
C VAL A 80 15.09 -1.41 -5.82
N GLU A 81 14.73 -0.89 -6.99
CA GLU A 81 15.69 -0.81 -8.10
C GLU A 81 16.04 0.65 -8.27
N ARG A 82 17.27 1.02 -7.92
CA ARG A 82 17.71 2.40 -8.05
C ARG A 82 17.87 2.77 -9.52
N PRO A 83 17.80 4.07 -9.83
CA PRO A 83 17.96 4.51 -11.22
C PRO A 83 19.41 4.27 -11.68
N SER A 84 20.30 4.06 -10.71
CA SER A 84 21.70 3.82 -11.00
C SER A 84 21.95 2.36 -11.37
N ALA A 85 20.95 1.51 -11.15
CA ALA A 85 21.08 0.09 -11.48
C ALA A 85 21.06 -0.06 -13.01
N VAL A 86 22.23 -0.25 -13.60
CA VAL A 86 22.33 -0.39 -15.05
C VAL A 86 22.94 -1.71 -15.51
N ASN A 87 23.40 -2.52 -14.55
CA ASN A 87 24.01 -3.80 -14.89
C ASN A 87 22.93 -4.87 -15.04
N GLY A 88 22.54 -5.13 -16.28
CA GLY A 88 21.53 -6.13 -16.56
C GLY A 88 22.12 -7.20 -17.45
N MET A 89 21.70 -7.22 -18.72
CA MET A 89 22.22 -8.20 -19.65
C MET A 89 23.41 -7.53 -20.38
N CYS A 90 24.61 -7.76 -19.87
CA CYS A 90 25.83 -7.18 -20.44
C CYS A 90 26.05 -7.53 -21.90
N TYR A 91 25.86 -8.79 -22.26
CA TYR A 91 26.03 -9.19 -23.65
C TYR A 91 24.71 -8.89 -24.37
N PRO A 92 24.75 -8.15 -25.49
CA PRO A 92 23.58 -7.77 -26.29
C PRO A 92 22.56 -8.89 -26.48
N GLY A 93 21.30 -8.61 -26.17
CA GLY A 93 20.26 -9.60 -26.34
C GLY A 93 19.12 -9.33 -25.38
N ASN A 94 17.96 -9.92 -25.65
CA ASN A 94 16.82 -9.70 -24.79
C ASN A 94 16.31 -10.96 -24.11
N VAL A 95 15.68 -10.76 -22.95
CA VAL A 95 15.14 -11.85 -22.15
C VAL A 95 13.69 -12.09 -22.56
N GLU A 96 13.38 -13.31 -22.99
CA GLU A 96 12.01 -13.65 -23.36
C GLU A 96 11.14 -13.58 -22.11
N ASN A 97 9.97 -12.95 -22.23
CA ASN A 97 9.04 -12.80 -21.12
C ASN A 97 9.71 -12.20 -19.88
N LEU A 98 10.39 -11.07 -20.08
CA LEU A 98 11.09 -10.39 -19.00
C LEU A 98 10.18 -9.92 -17.87
N GLU A 99 9.03 -9.33 -18.22
CA GLU A 99 8.11 -8.85 -17.19
C GLU A 99 7.67 -9.99 -16.26
N GLU A 100 7.41 -11.16 -16.83
CA GLU A 100 6.99 -12.29 -16.02
C GLU A 100 8.14 -12.78 -15.12
N LEU A 101 9.35 -12.80 -15.67
CA LEU A 101 10.51 -13.23 -14.88
C LEU A 101 10.68 -12.32 -13.66
N ARG A 102 10.69 -11.02 -13.90
CA ARG A 102 10.85 -10.05 -12.82
C ARG A 102 9.71 -10.12 -11.81
N SER A 103 8.50 -10.37 -12.29
CA SER A 103 7.36 -10.47 -11.39
C SER A 103 7.50 -11.71 -10.51
N LEU A 104 7.80 -12.86 -11.14
CA LEU A 104 7.98 -14.11 -10.42
C LEU A 104 9.05 -13.94 -9.34
N PHE A 105 10.18 -13.39 -9.73
CA PHE A 105 11.27 -13.17 -8.79
C PHE A 105 10.86 -12.29 -7.63
N SER A 106 10.30 -11.12 -7.94
CA SER A 106 9.91 -10.18 -6.90
C SER A 106 8.83 -10.70 -5.96
N SER A 107 8.01 -11.62 -6.45
CA SER A 107 6.94 -12.17 -5.62
C SER A 107 7.47 -13.12 -4.53
N ALA A 108 8.66 -13.66 -4.74
CA ALA A 108 9.26 -14.55 -3.76
C ALA A 108 9.86 -13.68 -2.66
N SER A 109 10.36 -14.29 -1.59
CA SER A 109 10.97 -13.51 -0.51
C SER A 109 12.44 -13.87 -0.36
N SER A 110 12.93 -14.80 -1.18
CA SER A 110 14.34 -15.20 -1.14
C SER A 110 14.73 -16.10 -2.30
N TYR A 111 16.03 -16.15 -2.57
CA TYR A 111 16.58 -17.01 -3.61
C TYR A 111 17.91 -17.58 -3.09
N GLN A 112 18.24 -18.76 -3.56
CA GLN A 112 19.48 -19.45 -3.23
C GLN A 112 19.92 -20.12 -4.51
N ARG A 113 21.18 -19.92 -4.90
CA ARG A 113 21.67 -20.54 -6.13
C ARG A 113 21.93 -22.03 -5.96
N ILE A 114 21.77 -22.78 -7.03
CA ILE A 114 22.01 -24.22 -7.01
C ILE A 114 22.65 -24.61 -8.34
N GLN A 115 23.71 -25.41 -8.29
CA GLN A 115 24.38 -25.80 -9.51
C GLN A 115 23.57 -26.86 -10.26
N ILE A 116 23.38 -26.65 -11.55
CA ILE A 116 22.62 -27.57 -12.38
C ILE A 116 23.54 -28.49 -13.17
N PHE A 117 24.47 -27.89 -13.93
CA PHE A 117 25.42 -28.67 -14.72
C PHE A 117 26.85 -28.33 -14.33
N PRO A 118 27.57 -29.30 -13.75
CA PRO A 118 28.97 -29.02 -13.36
C PRO A 118 29.83 -28.88 -14.61
N ASP A 119 30.85 -28.02 -14.53
CA ASP A 119 31.75 -27.79 -15.65
C ASP A 119 32.36 -29.08 -16.21
N THR A 120 32.55 -30.07 -15.35
CA THR A 120 33.16 -31.34 -15.75
C THR A 120 32.35 -32.19 -16.73
N ILE A 121 31.03 -31.99 -16.78
CA ILE A 121 30.19 -32.78 -17.66
C ILE A 121 30.44 -32.53 -19.16
N TRP A 122 30.86 -31.33 -19.50
CA TRP A 122 31.09 -30.96 -20.90
C TRP A 122 32.32 -31.56 -21.56
N ASN A 123 32.23 -31.77 -22.86
CA ASN A 123 33.31 -32.31 -23.66
C ASN A 123 33.76 -31.24 -24.64
N VAL A 124 33.39 -30.00 -24.33
CA VAL A 124 33.74 -28.85 -25.15
C VAL A 124 34.21 -27.76 -24.18
N SER A 125 34.66 -26.64 -24.71
CA SER A 125 35.14 -25.53 -23.88
C SER A 125 33.94 -24.87 -23.20
N TYR A 126 34.15 -24.33 -21.99
CA TYR A 126 33.06 -23.69 -21.26
C TYR A 126 33.42 -22.36 -20.63
N SER A 127 34.67 -21.92 -20.80
CA SER A 127 35.11 -20.67 -20.20
C SER A 127 35.05 -19.43 -21.10
N GLY A 128 34.18 -19.46 -22.11
CA GLY A 128 34.06 -18.32 -22.98
C GLY A 128 33.69 -17.05 -22.22
N THR A 129 34.29 -15.93 -22.61
CA THR A 129 34.02 -14.66 -21.96
C THR A 129 33.84 -13.55 -23.02
N SER A 130 33.46 -12.37 -22.57
CA SER A 130 33.26 -11.26 -23.49
C SER A 130 33.70 -9.94 -22.89
N SER A 131 34.17 -9.04 -23.75
CA SER A 131 34.61 -7.72 -23.32
C SER A 131 33.39 -6.90 -22.87
N ALA A 132 32.23 -7.31 -23.34
CA ALA A 132 30.98 -6.62 -22.99
C ALA A 132 30.58 -6.96 -21.57
N CYS A 133 31.09 -8.09 -21.07
CA CYS A 133 30.78 -8.52 -19.72
C CYS A 133 31.98 -8.47 -18.77
N SER A 134 32.65 -7.33 -18.72
CA SER A 134 33.80 -7.15 -17.84
C SER A 134 34.88 -8.19 -18.11
N ASP A 135 35.03 -8.58 -19.37
CA ASP A 135 36.02 -9.57 -19.77
C ASP A 135 35.80 -10.88 -19.03
N SER A 136 34.53 -11.16 -18.74
CA SER A 136 34.15 -12.37 -18.04
C SER A 136 32.83 -12.84 -18.63
N PHE A 137 32.00 -13.50 -17.84
CA PHE A 137 30.70 -13.96 -18.34
C PHE A 137 29.73 -14.19 -17.18
N TYR A 138 28.47 -14.46 -17.52
CA TYR A 138 27.43 -14.69 -16.53
C TYR A 138 27.78 -15.85 -15.60
N ARG A 139 27.37 -15.74 -14.34
CA ARG A 139 27.61 -16.77 -13.33
C ARG A 139 26.52 -17.84 -13.38
N SER A 140 25.44 -17.59 -14.13
CA SER A 140 24.34 -18.55 -14.20
C SER A 140 24.40 -19.46 -15.41
N MET A 141 25.29 -19.15 -16.35
CA MET A 141 25.41 -19.93 -17.57
C MET A 141 26.84 -20.03 -18.05
N ARG A 142 27.09 -21.02 -18.91
CA ARG A 142 28.41 -21.22 -19.49
C ARG A 142 28.35 -21.09 -21.00
N TRP A 143 29.25 -20.30 -21.58
CA TRP A 143 29.30 -20.12 -23.03
C TRP A 143 30.13 -21.27 -23.59
N LEU A 144 29.46 -22.33 -24.02
CA LEU A 144 30.12 -23.51 -24.57
C LEU A 144 30.64 -23.26 -25.98
N THR A 145 31.90 -23.60 -26.22
CA THR A 145 32.50 -23.44 -27.54
C THR A 145 33.36 -24.66 -27.85
N GLN A 146 33.83 -24.73 -29.10
CA GLN A 146 34.64 -25.86 -29.53
C GLN A 146 35.94 -26.02 -28.73
N LYS A 147 36.36 -27.27 -28.60
CA LYS A 147 37.59 -27.61 -27.89
C LYS A 147 38.36 -28.58 -28.79
N ASN A 148 39.60 -28.24 -29.11
CA ASN A 148 40.43 -29.08 -29.98
C ASN A 148 39.80 -29.15 -31.37
N ASN A 149 39.25 -28.02 -31.81
CA ASN A 149 38.61 -27.93 -33.12
C ASN A 149 37.49 -28.95 -33.32
N ALA A 150 36.78 -29.24 -32.24
CA ALA A 150 35.68 -30.19 -32.30
C ALA A 150 34.56 -29.80 -31.32
N TYR A 151 33.32 -30.06 -31.73
CA TYR A 151 32.17 -29.77 -30.90
C TYR A 151 31.16 -30.90 -31.07
N PRO A 152 31.37 -32.01 -30.34
CA PRO A 152 30.48 -33.17 -30.41
C PRO A 152 29.13 -32.76 -29.82
N ILE A 153 28.09 -33.52 -30.14
CA ILE A 153 26.77 -33.20 -29.61
C ILE A 153 26.81 -33.31 -28.08
N GLN A 154 26.43 -32.22 -27.41
CA GLN A 154 26.42 -32.20 -25.95
C GLN A 154 25.03 -32.61 -25.48
N ASP A 155 24.98 -33.56 -24.57
CA ASP A 155 23.71 -34.06 -24.03
C ASP A 155 23.85 -34.21 -22.52
N ALA A 156 23.30 -33.24 -21.78
CA ALA A 156 23.38 -33.29 -20.32
C ALA A 156 22.01 -33.32 -19.65
N GLN A 157 21.92 -33.99 -18.52
CA GLN A 157 20.68 -34.12 -17.77
C GLN A 157 20.83 -33.72 -16.32
N TYR A 158 19.74 -33.23 -15.74
CA TYR A 158 19.72 -32.84 -14.34
C TYR A 158 18.31 -33.08 -13.80
N THR A 159 18.20 -33.83 -12.71
CA THR A 159 16.92 -34.11 -12.10
C THR A 159 16.79 -33.34 -10.79
N ASN A 160 15.67 -32.62 -10.65
CA ASN A 160 15.43 -31.83 -9.44
C ASN A 160 14.98 -32.71 -8.28
N ASN A 161 15.87 -32.92 -7.32
CA ASN A 161 15.56 -33.72 -6.14
C ASN A 161 15.64 -32.84 -4.90
N ARG A 162 15.48 -31.53 -5.09
CA ARG A 162 15.54 -30.58 -3.99
C ARG A 162 14.22 -30.35 -3.28
N GLY A 163 13.14 -30.86 -3.85
CA GLY A 163 11.84 -30.68 -3.22
C GLY A 163 11.23 -29.31 -3.48
N LYS A 164 11.97 -28.44 -4.15
CA LYS A 164 11.49 -27.10 -4.49
C LYS A 164 11.81 -26.81 -5.94
N SER A 165 10.96 -25.99 -6.57
CA SER A 165 11.16 -25.63 -7.97
C SER A 165 12.44 -24.85 -8.17
N ILE A 166 13.05 -25.01 -9.34
CA ILE A 166 14.29 -24.33 -9.67
C ILE A 166 14.15 -23.47 -10.91
N LEU A 167 14.40 -22.18 -10.75
CA LEU A 167 14.35 -21.25 -11.87
C LEU A 167 15.69 -21.39 -12.58
N PHE A 168 15.67 -21.75 -13.86
CA PHE A 168 16.93 -21.90 -14.60
C PHE A 168 16.96 -21.05 -15.86
N MET A 169 18.17 -20.71 -16.29
CA MET A 169 18.39 -19.84 -17.43
C MET A 169 19.31 -20.41 -18.50
N TRP A 170 19.11 -19.97 -19.74
CA TRP A 170 19.96 -20.38 -20.85
C TRP A 170 19.86 -19.36 -21.97
N GLY A 171 20.71 -19.50 -22.96
CA GLY A 171 20.69 -18.56 -24.07
C GLY A 171 21.13 -19.22 -25.36
N ILE A 172 20.86 -18.53 -26.47
CA ILE A 172 21.23 -19.01 -27.79
C ILE A 172 22.05 -17.90 -28.43
N ASN A 173 23.30 -18.19 -28.76
CA ASN A 173 24.19 -17.21 -29.37
C ASN A 173 23.98 -17.08 -30.88
N HIS A 174 23.99 -15.84 -31.36
CA HIS A 174 23.84 -15.54 -32.78
C HIS A 174 25.06 -14.73 -33.22
N PRO A 175 26.09 -15.40 -33.76
CA PRO A 175 27.31 -14.73 -34.21
C PRO A 175 27.06 -13.70 -35.32
N PRO A 176 27.94 -12.69 -35.43
CA PRO A 176 27.83 -11.63 -36.44
C PRO A 176 28.31 -12.05 -37.83
N THR A 177 29.15 -13.08 -37.90
CA THR A 177 29.68 -13.56 -39.17
C THR A 177 29.73 -15.08 -39.22
N ASP A 178 29.88 -15.63 -40.43
CA ASP A 178 29.96 -17.08 -40.61
C ASP A 178 31.27 -17.62 -40.08
N THR A 179 32.30 -16.78 -40.10
CA THR A 179 33.62 -17.18 -39.62
C THR A 179 33.57 -17.42 -38.12
N VAL A 180 32.92 -16.52 -37.39
CA VAL A 180 32.80 -16.65 -35.94
C VAL A 180 31.97 -17.89 -35.60
N GLN A 181 30.92 -18.13 -36.39
CA GLN A 181 30.07 -19.30 -36.17
C GLN A 181 30.87 -20.59 -36.23
N THR A 182 31.51 -20.83 -37.37
CA THR A 182 32.31 -22.04 -37.54
C THR A 182 33.46 -22.04 -36.55
N ASN A 183 34.09 -20.87 -36.40
CA ASN A 183 35.21 -20.70 -35.50
C ASN A 183 34.87 -21.15 -34.08
N LEU A 184 33.65 -20.84 -33.63
CA LEU A 184 33.20 -21.20 -32.29
C LEU A 184 32.53 -22.56 -32.17
N TYR A 185 31.75 -22.95 -33.17
CA TYR A 185 31.02 -24.20 -33.09
C TYR A 185 31.36 -25.25 -34.15
N THR A 186 32.34 -24.96 -35.00
CA THR A 186 32.78 -25.90 -36.02
C THR A 186 31.78 -26.07 -37.18
N ARG A 187 30.54 -25.68 -36.96
CA ARG A 187 29.51 -25.81 -37.99
C ARG A 187 28.58 -24.60 -37.99
N THR A 188 27.96 -24.33 -39.13
CA THR A 188 27.06 -23.19 -39.27
C THR A 188 25.59 -23.56 -39.09
N ASP A 189 25.30 -24.85 -39.11
CA ASP A 189 23.92 -25.31 -38.95
C ASP A 189 23.82 -26.14 -37.67
N THR A 190 23.28 -25.54 -36.61
CA THR A 190 23.15 -26.25 -35.34
C THR A 190 21.72 -26.36 -34.85
N THR A 191 21.52 -27.26 -33.90
CA THR A 191 20.22 -27.49 -33.31
C THR A 191 20.39 -27.66 -31.80
N THR A 192 19.69 -26.83 -31.03
CA THR A 192 19.76 -26.90 -29.58
C THR A 192 18.37 -27.11 -29.01
N SER A 193 18.26 -28.00 -28.03
CA SER A 193 16.98 -28.27 -27.41
C SER A 193 17.07 -28.26 -25.90
N VAL A 194 16.06 -27.65 -25.27
CA VAL A 194 15.98 -27.56 -23.82
C VAL A 194 14.63 -28.20 -23.52
N THR A 195 14.67 -29.36 -22.88
CA THR A 195 13.44 -30.08 -22.58
C THR A 195 13.31 -30.62 -21.18
N THR A 196 12.07 -30.83 -20.75
CA THR A 196 11.74 -31.37 -19.45
C THR A 196 10.49 -32.22 -19.70
N GLU A 197 9.84 -32.69 -18.64
CA GLU A 197 8.62 -33.47 -18.82
C GLU A 197 7.50 -32.58 -19.33
N ASP A 198 7.64 -31.27 -19.13
CA ASP A 198 6.62 -30.31 -19.56
C ASP A 198 6.96 -29.45 -20.77
N ILE A 199 8.23 -29.08 -20.94
CA ILE A 199 8.60 -28.25 -22.08
C ILE A 199 9.42 -28.99 -23.12
N ASN A 200 9.32 -28.52 -24.37
CA ASN A 200 10.03 -29.12 -25.48
C ASN A 200 10.46 -27.99 -26.42
N ARG A 201 11.46 -27.24 -25.99
CA ARG A 201 11.95 -26.10 -26.75
C ARG A 201 13.18 -26.41 -27.58
N THR A 202 13.17 -25.94 -28.82
CA THR A 202 14.29 -26.15 -29.73
C THR A 202 14.69 -24.81 -30.36
N PHE A 203 15.97 -24.64 -30.66
CA PHE A 203 16.45 -23.38 -31.21
C PHE A 203 17.49 -23.56 -32.32
N LYS A 204 17.48 -22.62 -33.26
CA LYS A 204 18.40 -22.61 -34.40
C LYS A 204 19.05 -21.23 -34.48
N PRO A 205 20.33 -21.17 -34.84
CA PRO A 205 21.04 -19.89 -34.95
C PRO A 205 20.86 -19.15 -36.28
N VAL A 206 21.07 -17.84 -36.26
CA VAL A 206 20.94 -17.01 -37.45
C VAL A 206 22.09 -16.00 -37.47
N ILE A 207 23.14 -16.34 -38.22
CA ILE A 207 24.32 -15.49 -38.33
C ILE A 207 24.07 -14.20 -39.09
N GLY A 208 24.75 -13.13 -38.65
CA GLY A 208 24.59 -11.83 -39.29
C GLY A 208 24.82 -10.74 -38.28
N PRO A 209 25.31 -9.56 -38.70
CA PRO A 209 25.55 -8.46 -37.76
C PRO A 209 24.33 -7.62 -37.43
N ARG A 210 24.08 -7.44 -36.14
CA ARG A 210 22.97 -6.62 -35.66
C ARG A 210 23.57 -5.26 -35.33
N PRO A 211 22.73 -4.24 -35.09
CA PRO A 211 23.29 -2.92 -34.76
C PRO A 211 24.17 -3.01 -33.51
N LEU A 212 25.19 -2.17 -33.45
CA LEU A 212 26.12 -2.18 -32.32
C LEU A 212 25.49 -1.92 -30.96
N VAL A 213 25.82 -2.79 -30.01
CA VAL A 213 25.35 -2.68 -28.64
C VAL A 213 26.50 -3.13 -27.76
N ASN A 214 26.96 -2.26 -26.88
CA ASN A 214 28.08 -2.58 -26.00
C ASN A 214 29.27 -3.00 -26.87
N GLY A 215 29.40 -2.35 -28.02
CA GLY A 215 30.49 -2.63 -28.94
C GLY A 215 30.48 -3.98 -29.63
N LEU A 216 29.32 -4.62 -29.70
CA LEU A 216 29.21 -5.92 -30.33
C LEU A 216 28.09 -5.99 -31.37
N HIS A 217 28.30 -6.81 -32.40
CA HIS A 217 27.32 -6.99 -33.47
C HIS A 217 26.56 -8.30 -33.27
N GLY A 218 27.12 -9.17 -32.44
CA GLY A 218 26.49 -10.45 -32.17
C GLY A 218 25.42 -10.31 -31.11
N ARG A 219 24.68 -11.40 -30.87
CA ARG A 219 23.62 -11.38 -29.88
C ARG A 219 23.45 -12.72 -29.19
N ILE A 220 22.74 -12.68 -28.06
CA ILE A 220 22.40 -13.87 -27.31
C ILE A 220 20.95 -13.68 -26.93
N ASP A 221 20.09 -14.60 -27.36
CA ASP A 221 18.68 -14.53 -27.01
C ASP A 221 18.62 -15.25 -25.67
N TYR A 222 18.09 -14.59 -24.64
CA TYR A 222 18.02 -15.21 -23.31
C TYR A 222 16.65 -15.81 -23.03
N TYR A 223 16.65 -16.94 -22.33
CA TYR A 223 15.43 -17.64 -21.97
C TYR A 223 15.49 -18.16 -20.54
N TRP A 224 14.34 -18.56 -20.01
CA TRP A 224 14.26 -19.08 -18.65
C TRP A 224 13.03 -19.97 -18.51
N SER A 225 13.02 -20.77 -17.46
CA SER A 225 11.90 -21.64 -17.17
C SER A 225 12.05 -22.15 -15.74
N VAL A 226 11.07 -22.89 -15.26
CA VAL A 226 11.12 -23.41 -13.91
C VAL A 226 10.99 -24.92 -13.84
N LEU A 227 12.00 -25.57 -13.26
CA LEU A 227 12.01 -27.01 -13.12
C LEU A 227 11.32 -27.40 -11.82
N LYS A 228 10.15 -28.02 -11.93
CA LYS A 228 9.40 -28.42 -10.77
C LYS A 228 10.04 -29.62 -10.07
N PRO A 229 9.73 -29.83 -8.78
CA PRO A 229 10.30 -30.95 -8.04
C PRO A 229 10.07 -32.28 -8.75
N GLY A 230 11.11 -33.11 -8.80
CA GLY A 230 10.99 -34.40 -9.45
C GLY A 230 11.21 -34.38 -10.95
N GLN A 231 11.07 -33.22 -11.57
CA GLN A 231 11.26 -33.13 -13.02
C GLN A 231 12.73 -33.21 -13.41
N THR A 232 12.95 -33.57 -14.67
CA THR A 232 14.30 -33.69 -15.22
C THR A 232 14.49 -32.70 -16.36
N LEU A 233 15.61 -31.99 -16.33
CA LEU A 233 15.94 -31.03 -17.37
C LEU A 233 16.99 -31.68 -18.26
N ARG A 234 16.78 -31.61 -19.56
CA ARG A 234 17.73 -32.19 -20.49
C ARG A 234 18.06 -31.19 -21.57
N VAL A 235 19.34 -30.99 -21.83
CA VAL A 235 19.78 -30.06 -22.86
C VAL A 235 20.67 -30.77 -23.87
N ARG A 236 20.41 -30.50 -25.14
CA ARG A 236 21.17 -31.08 -26.24
C ARG A 236 21.57 -29.97 -27.18
N SER A 237 22.79 -30.02 -27.68
CA SER A 237 23.27 -29.00 -28.59
C SER A 237 24.55 -29.40 -29.28
N ASN A 238 24.72 -28.91 -30.50
CA ASN A 238 25.92 -29.17 -31.27
C ASN A 238 26.44 -27.79 -31.67
N GLY A 239 26.11 -26.79 -30.87
CA GLY A 239 26.55 -25.43 -31.12
C GLY A 239 25.56 -24.33 -30.77
N ASN A 240 26.09 -23.16 -30.43
CA ASN A 240 25.31 -21.97 -30.11
C ASN A 240 24.57 -21.90 -28.77
N LEU A 241 24.64 -22.98 -27.99
CA LEU A 241 24.00 -23.01 -26.69
C LEU A 241 24.80 -22.32 -25.60
N ILE A 242 24.12 -21.49 -24.82
CA ILE A 242 24.71 -20.80 -23.68
C ILE A 242 24.03 -21.59 -22.58
N ALA A 243 24.70 -22.64 -22.15
CA ALA A 243 24.17 -23.59 -21.17
C ALA A 243 23.90 -23.16 -19.73
N PRO A 244 22.86 -23.76 -19.13
CA PRO A 244 22.50 -23.46 -17.74
C PRO A 244 23.69 -23.93 -16.90
N TRP A 245 24.06 -23.15 -15.89
CA TRP A 245 25.17 -23.52 -15.02
C TRP A 245 24.62 -23.58 -13.61
N TYR A 246 24.06 -22.47 -13.16
CA TYR A 246 23.43 -22.38 -11.84
C TYR A 246 22.01 -21.85 -12.00
N GLY A 247 21.10 -22.37 -11.19
CA GLY A 247 19.73 -21.93 -11.22
C GLY A 247 19.44 -21.31 -9.86
N HIS A 248 18.20 -20.90 -9.63
CA HIS A 248 17.83 -20.30 -8.35
C HIS A 248 16.64 -21.02 -7.74
N ILE A 249 16.71 -21.24 -6.43
CA ILE A 249 15.59 -21.85 -5.73
C ILE A 249 14.88 -20.65 -5.09
N LEU A 250 13.68 -20.34 -5.57
CA LEU A 250 12.92 -19.22 -5.02
C LEU A 250 12.02 -19.75 -3.91
N SER A 251 11.90 -19.00 -2.83
CA SER A 251 11.05 -19.42 -1.71
C SER A 251 10.26 -18.28 -1.10
N GLY A 252 9.17 -18.63 -0.43
CA GLY A 252 8.33 -17.67 0.24
C GLY A 252 7.58 -16.64 -0.58
N GLU A 253 6.87 -15.76 0.11
CA GLU A 253 6.09 -14.70 -0.52
C GLU A 253 6.39 -13.38 0.18
N SER A 254 6.87 -12.40 -0.58
CA SER A 254 7.18 -11.09 -0.02
C SER A 254 5.98 -10.19 -0.32
N HIS A 255 6.17 -8.87 -0.25
CA HIS A 255 5.08 -7.95 -0.56
C HIS A 255 4.87 -7.95 -2.07
N GLY A 256 5.84 -8.50 -2.80
CA GLY A 256 5.75 -8.56 -4.25
C GLY A 256 5.82 -7.24 -4.97
N ARG A 257 6.58 -6.29 -4.44
CA ARG A 257 6.72 -4.98 -5.06
C ARG A 257 8.13 -4.74 -5.58
N ILE A 258 8.22 -3.93 -6.64
CA ILE A 258 9.49 -3.51 -7.22
C ILE A 258 9.36 -2.00 -7.29
N LEU A 259 10.01 -1.30 -6.37
CA LEU A 259 9.95 0.16 -6.36
C LEU A 259 11.15 0.70 -7.13
N LYS A 260 10.90 1.65 -8.03
CA LYS A 260 11.96 2.25 -8.82
C LYS A 260 12.12 3.69 -8.39
N THR A 261 12.96 3.92 -7.38
CA THR A 261 13.17 5.26 -6.85
C THR A 261 14.54 5.38 -6.23
N ASP A 262 14.96 6.63 -6.04
CA ASP A 262 16.26 6.92 -5.43
C ASP A 262 16.02 7.43 -4.01
N LEU A 263 14.83 7.17 -3.48
CA LEU A 263 14.47 7.61 -2.14
C LEU A 263 15.45 7.02 -1.13
N ASN A 264 15.89 7.84 -0.17
CA ASN A 264 16.82 7.39 0.85
C ASN A 264 16.29 6.22 1.65
N SER A 265 17.16 5.26 1.95
CA SER A 265 16.77 4.12 2.76
C SER A 265 17.25 4.44 4.18
N GLY A 266 16.61 3.85 5.17
CA GLY A 266 17.02 4.13 6.53
C GLY A 266 16.95 2.92 7.43
N ASN A 267 17.51 3.06 8.64
CA ASN A 267 17.49 2.00 9.63
C ASN A 267 16.24 2.25 10.44
N CYS A 268 15.10 1.92 9.85
CA CYS A 268 13.80 2.15 10.45
C CYS A 268 12.85 1.00 10.14
N VAL A 269 11.75 0.94 10.88
CA VAL A 269 10.74 -0.09 10.68
C VAL A 269 9.38 0.60 10.66
N VAL A 270 8.55 0.30 9.66
CA VAL A 270 7.23 0.90 9.57
C VAL A 270 6.15 -0.13 9.35
N GLN A 271 4.91 0.26 9.60
CA GLN A 271 3.77 -0.62 9.39
C GLN A 271 3.46 -0.57 7.90
N CYS A 272 3.39 0.65 7.38
CA CYS A 272 3.04 0.89 5.99
C CYS A 272 4.13 1.60 5.19
N GLN A 273 4.51 0.99 4.07
CA GLN A 273 5.56 1.56 3.22
C GLN A 273 5.04 1.98 1.85
N THR A 274 5.50 3.14 1.37
CA THR A 274 5.11 3.61 0.04
C THR A 274 6.39 4.02 -0.68
N GLU A 275 6.29 4.33 -1.97
CA GLU A 275 7.47 4.73 -2.72
C GLU A 275 7.92 6.14 -2.33
N ARG A 276 7.13 6.82 -1.50
CA ARG A 276 7.44 8.18 -1.05
C ARG A 276 7.95 8.20 0.39
N GLY A 277 7.72 7.13 1.12
CA GLY A 277 8.14 7.07 2.50
C GLY A 277 7.20 6.15 3.26
N GLY A 278 7.53 5.85 4.52
CA GLY A 278 6.70 4.97 5.31
C GLY A 278 5.94 5.67 6.42
N LEU A 279 5.03 4.95 7.06
CA LEU A 279 4.24 5.55 8.13
C LEU A 279 3.63 4.54 9.10
N ASN A 280 3.27 5.07 10.27
CA ASN A 280 2.63 4.30 11.34
C ASN A 280 1.41 5.14 11.70
N THR A 281 0.27 4.49 11.89
CA THR A 281 -0.94 5.23 12.25
C THR A 281 -2.10 4.31 12.57
N THR A 282 -3.05 4.82 13.35
CA THR A 282 -4.24 4.06 13.69
C THR A 282 -5.45 4.70 12.99
N LEU A 283 -5.20 5.74 12.21
CA LEU A 283 -6.29 6.38 11.46
C LEU A 283 -6.69 5.44 10.33
N PRO A 284 -7.98 5.42 9.95
CA PRO A 284 -8.46 4.54 8.88
C PRO A 284 -8.04 4.85 7.44
N PHE A 285 -7.67 6.10 7.16
CA PHE A 285 -7.30 6.49 5.80
C PHE A 285 -5.95 7.21 5.76
N HIS A 286 -5.38 7.29 4.55
CA HIS A 286 -4.13 8.02 4.32
C HIS A 286 -4.16 8.48 2.87
N ASN A 287 -3.40 9.53 2.54
CA ASN A 287 -3.36 10.05 1.19
C ASN A 287 -1.93 10.07 0.66
N VAL A 288 -1.07 9.23 1.22
CA VAL A 288 0.32 9.20 0.81
C VAL A 288 0.54 8.57 -0.57
N SER A 289 -0.03 7.40 -0.81
CA SER A 289 0.13 6.73 -2.10
C SER A 289 -0.75 5.51 -2.25
N LYS A 290 -1.34 5.35 -3.43
CA LYS A 290 -2.21 4.20 -3.69
C LYS A 290 -1.37 2.92 -3.77
N TYR A 291 -0.05 3.09 -3.90
CA TYR A 291 0.86 1.95 -4.00
C TYR A 291 1.37 1.45 -2.66
N ALA A 292 0.83 1.99 -1.58
CA ALA A 292 1.24 1.59 -0.23
C ALA A 292 1.07 0.10 0.03
N PHE A 293 1.97 -0.47 0.82
CA PHE A 293 1.88 -1.88 1.14
C PHE A 293 2.36 -2.14 2.56
N GLY A 294 2.01 -3.31 3.08
CA GLY A 294 2.36 -3.69 4.44
C GLY A 294 1.07 -3.72 5.25
N ASN A 295 1.10 -3.16 6.45
CA ASN A 295 -0.10 -3.09 7.31
C ASN A 295 -0.50 -1.62 7.19
N CYS A 296 -1.44 -1.36 6.27
CA CYS A 296 -1.85 0.00 5.95
C CYS A 296 -3.30 0.40 6.11
N PRO A 297 -3.56 1.71 6.16
CA PRO A 297 -4.92 2.25 6.29
C PRO A 297 -5.40 2.19 4.83
N LYS A 298 -6.62 2.65 4.55
CA LYS A 298 -7.11 2.65 3.18
C LYS A 298 -6.68 3.94 2.50
N TYR A 299 -6.16 3.85 1.28
CA TYR A 299 -5.75 5.05 0.56
C TYR A 299 -6.98 5.77 0.02
N VAL A 300 -7.02 7.09 0.19
CA VAL A 300 -8.11 7.92 -0.29
C VAL A 300 -7.45 9.19 -0.84
N GLY A 301 -7.79 9.54 -2.07
CA GLY A 301 -7.21 10.72 -2.69
C GLY A 301 -7.87 12.04 -2.35
N VAL A 302 -7.71 12.47 -1.10
CA VAL A 302 -8.28 13.75 -0.64
C VAL A 302 -7.27 14.42 0.28
N LYS A 303 -7.57 15.65 0.69
CA LYS A 303 -6.67 16.41 1.56
C LYS A 303 -7.04 16.30 3.03
N SER A 304 -8.30 16.01 3.30
CA SER A 304 -8.78 15.89 4.67
C SER A 304 -10.12 15.18 4.74
N LEU A 305 -10.36 14.49 5.86
CA LEU A 305 -11.62 13.78 6.10
C LEU A 305 -11.94 14.00 7.57
N LYS A 306 -12.49 15.17 7.87
CA LYS A 306 -12.83 15.56 9.23
C LYS A 306 -14.23 15.11 9.65
N LEU A 307 -14.28 14.27 10.67
CA LEU A 307 -15.53 13.75 11.20
C LEU A 307 -15.97 14.55 12.43
N ALA A 308 -17.23 15.00 12.43
CA ALA A 308 -17.77 15.75 13.55
C ALA A 308 -17.90 14.83 14.76
N VAL A 309 -17.51 15.33 15.92
CA VAL A 309 -17.64 14.58 17.16
C VAL A 309 -18.55 15.39 18.07
N GLY A 310 -18.22 16.68 18.21
CA GLY A 310 -19.01 17.57 19.04
C GLY A 310 -20.18 18.17 18.28
N LEU A 311 -20.76 19.24 18.82
CA LEU A 311 -21.92 19.89 18.20
C LEU A 311 -21.57 21.16 17.44
N ARG A 312 -22.57 21.74 16.75
CA ARG A 312 -22.33 22.98 16.02
C ARG A 312 -21.88 24.02 17.03
N ASN A 313 -20.78 24.69 16.72
CA ASN A 313 -20.21 25.71 17.61
C ASN A 313 -20.85 27.05 17.29
N VAL A 314 -21.71 27.51 18.20
CA VAL A 314 -22.45 28.76 18.04
C VAL A 314 -22.06 29.80 19.08
N PRO A 315 -21.39 30.87 18.65
CA PRO A 315 -20.97 31.93 19.58
C PRO A 315 -22.18 32.68 20.14
N ALA A 316 -22.15 32.99 21.42
CA ALA A 316 -23.24 33.73 22.04
C ALA A 316 -23.22 35.15 21.50
N ARG A 317 -22.04 35.77 21.53
CA ARG A 317 -21.86 37.13 21.05
C ARG A 317 -21.97 37.23 19.54
N GLY B 1 -31.79 23.98 12.60
CA GLY B 1 -31.49 22.53 12.39
C GLY B 1 -32.73 21.67 12.52
N LEU B 2 -32.60 20.41 12.14
CA LEU B 2 -33.69 19.44 12.17
C LEU B 2 -34.55 19.43 13.44
N PHE B 3 -33.92 19.43 14.62
CA PHE B 3 -34.69 19.39 15.85
C PHE B 3 -35.02 20.75 16.46
N GLY B 4 -34.64 21.81 15.77
CA GLY B 4 -34.95 23.17 16.18
C GLY B 4 -34.40 23.81 17.44
N ALA B 5 -33.48 23.14 18.13
CA ALA B 5 -32.93 23.70 19.37
C ALA B 5 -31.58 24.40 19.20
N ILE B 6 -30.55 23.66 18.79
CA ILE B 6 -29.22 24.25 18.61
C ILE B 6 -29.20 25.24 17.44
N ALA B 7 -28.75 26.46 17.71
CA ALA B 7 -28.73 27.51 16.69
C ALA B 7 -30.16 27.60 16.14
N GLY B 8 -31.11 27.29 17.03
CA GLY B 8 -32.52 27.31 16.69
C GLY B 8 -33.22 28.24 17.67
N PHE B 9 -34.16 27.73 18.45
CA PHE B 9 -34.85 28.60 19.39
C PHE B 9 -33.95 28.91 20.59
N ILE B 10 -32.93 28.09 20.80
CA ILE B 10 -31.94 28.34 21.84
C ILE B 10 -30.83 28.88 20.95
N GLU B 11 -30.89 30.19 20.76
CA GLU B 11 -30.02 30.93 19.85
C GLU B 11 -28.50 30.80 19.89
N GLY B 12 -27.92 30.63 21.06
CA GLY B 12 -26.47 30.52 21.12
C GLY B 12 -25.96 29.56 22.16
N GLY B 13 -24.67 29.24 22.07
CA GLY B 13 -24.06 28.33 23.00
C GLY B 13 -23.52 29.07 24.22
N TRP B 14 -23.06 28.32 25.21
CA TRP B 14 -22.53 28.91 26.43
C TRP B 14 -21.02 28.60 26.55
N PRO B 15 -20.16 29.63 26.60
CA PRO B 15 -18.74 29.32 26.72
C PRO B 15 -18.43 28.89 28.15
N GLY B 16 -19.35 29.21 29.06
CA GLY B 16 -19.17 28.86 30.46
C GLY B 16 -19.50 27.42 30.82
N LEU B 17 -20.00 26.66 29.85
CA LEU B 17 -20.35 25.26 30.07
C LEU B 17 -19.11 24.44 29.72
N VAL B 18 -18.18 24.33 30.66
CA VAL B 18 -16.93 23.62 30.43
C VAL B 18 -16.90 22.10 30.54
N ALA B 19 -17.76 21.50 31.36
CA ALA B 19 -17.71 20.05 31.56
C ALA B 19 -18.38 19.16 30.51
N GLY B 20 -19.30 19.72 29.72
CA GLY B 20 -19.97 18.88 28.75
C GLY B 20 -20.73 19.65 27.71
N TRP B 21 -21.35 18.90 26.80
CA TRP B 21 -22.09 19.49 25.69
C TRP B 21 -23.43 20.11 26.03
N TYR B 22 -24.16 19.54 26.99
CA TYR B 22 -25.49 20.04 27.34
C TYR B 22 -25.58 20.33 28.83
N GLY B 23 -26.36 21.34 29.19
CA GLY B 23 -26.48 21.65 30.60
C GLY B 23 -27.61 22.59 30.99
N PHE B 24 -27.54 23.00 32.26
CA PHE B 24 -28.53 23.89 32.86
C PHE B 24 -27.90 25.14 33.44
N GLN B 25 -28.63 26.25 33.36
CA GLN B 25 -28.21 27.50 33.97
C GLN B 25 -29.42 27.92 34.78
N HIS B 26 -29.21 28.25 36.05
CA HIS B 26 -30.32 28.66 36.91
C HIS B 26 -30.08 30.07 37.42
N SER B 27 -31.17 30.74 37.81
CA SER B 27 -31.12 32.09 38.33
C SER B 27 -32.11 32.20 39.48
N ASN B 28 -31.61 32.48 40.68
CA ASN B 28 -32.45 32.65 41.85
C ASN B 28 -31.80 33.66 42.79
N ASP B 29 -32.36 33.82 43.99
CA ASP B 29 -31.82 34.78 44.96
C ASP B 29 -30.34 34.55 45.25
N GLN B 30 -29.94 33.29 45.30
CA GLN B 30 -28.57 32.93 45.61
C GLN B 30 -27.57 33.18 44.49
N GLY B 31 -28.07 33.48 43.29
CA GLY B 31 -27.17 33.74 42.19
C GLY B 31 -27.45 33.00 40.90
N VAL B 32 -26.52 33.13 39.97
CA VAL B 32 -26.64 32.48 38.66
C VAL B 32 -25.48 31.52 38.45
N GLY B 33 -25.78 30.37 37.86
CA GLY B 33 -24.72 29.41 37.60
C GLY B 33 -25.14 28.35 36.60
N MET B 34 -24.17 27.68 36.00
CA MET B 34 -24.47 26.63 35.04
C MET B 34 -23.53 25.45 35.20
N ALA B 35 -24.01 24.28 34.81
CA ALA B 35 -23.24 23.06 34.89
C ALA B 35 -23.79 22.09 33.84
N ALA B 36 -22.94 21.20 33.38
CA ALA B 36 -23.36 20.24 32.37
C ALA B 36 -24.24 19.15 32.99
N ASP B 37 -25.15 18.62 32.19
CA ASP B 37 -26.01 17.54 32.65
C ASP B 37 -25.22 16.28 32.34
N SER B 38 -24.74 15.61 33.38
CA SER B 38 -23.92 14.41 33.21
C SER B 38 -24.60 13.25 32.47
N ASP B 39 -25.84 12.97 32.83
CA ASP B 39 -26.57 11.87 32.20
C ASP B 39 -26.64 12.00 30.69
N SER B 40 -27.21 13.09 30.19
CA SER B 40 -27.34 13.30 28.76
C SER B 40 -25.99 13.40 28.05
N THR B 41 -25.04 14.10 28.66
CA THR B 41 -23.72 14.24 28.04
C THR B 41 -22.98 12.92 27.93
N GLN B 42 -22.94 12.15 29.01
CA GLN B 42 -22.23 10.87 28.97
C GLN B 42 -22.85 9.90 27.97
N LYS B 43 -24.17 9.88 27.87
CA LYS B 43 -24.82 8.98 26.92
C LYS B 43 -24.42 9.37 25.49
N ALA B 44 -24.38 10.67 25.22
CA ALA B 44 -23.99 11.17 23.90
C ALA B 44 -22.53 10.86 23.62
N ILE B 45 -21.68 10.99 24.63
CA ILE B 45 -20.26 10.70 24.47
C ILE B 45 -20.05 9.23 24.08
N ASP B 46 -20.74 8.33 24.78
CA ASP B 46 -20.61 6.91 24.48
C ASP B 46 -21.06 6.60 23.06
N LYS B 47 -22.17 7.19 22.64
CA LYS B 47 -22.67 6.93 21.29
C LYS B 47 -21.72 7.44 20.20
N ILE B 48 -21.25 8.67 20.31
CA ILE B 48 -20.37 9.18 19.27
C ILE B 48 -19.02 8.44 19.31
N THR B 49 -18.59 8.02 20.49
CA THR B 49 -17.32 7.30 20.59
C THR B 49 -17.46 5.96 19.85
N SER B 50 -18.62 5.32 19.98
CA SER B 50 -18.86 4.04 19.30
C SER B 50 -18.91 4.25 17.80
N LYS B 51 -19.55 5.33 17.37
CA LYS B 51 -19.65 5.61 15.94
C LYS B 51 -18.26 5.81 15.35
N VAL B 52 -17.42 6.58 16.03
CA VAL B 52 -16.07 6.79 15.53
C VAL B 52 -15.32 5.46 15.45
N ASN B 53 -15.39 4.68 16.52
CA ASN B 53 -14.70 3.40 16.54
C ASN B 53 -15.18 2.45 15.47
N ASN B 54 -16.49 2.45 15.21
CA ASN B 54 -17.05 1.57 14.18
C ASN B 54 -16.66 2.03 12.79
N ILE B 55 -16.61 3.34 12.56
CA ILE B 55 -16.24 3.84 11.24
C ILE B 55 -14.80 3.47 10.97
N VAL B 56 -13.94 3.64 11.96
CA VAL B 56 -12.54 3.29 11.81
C VAL B 56 -12.39 1.81 11.49
N ASP B 57 -13.06 0.98 12.26
CA ASP B 57 -13.00 -0.47 12.08
C ASP B 57 -13.55 -0.92 10.74
N LYS B 58 -14.56 -0.22 10.24
CA LYS B 58 -15.17 -0.60 8.96
C LYS B 58 -14.41 -0.07 7.75
N MET B 59 -13.73 1.05 7.92
CA MET B 59 -13.03 1.69 6.81
C MET B 59 -11.50 1.59 6.76
N ASN B 60 -10.87 0.97 7.75
CA ASN B 60 -9.42 0.91 7.72
C ASN B 60 -8.77 -0.20 6.89
N LYS B 61 -9.56 -0.98 6.16
CA LYS B 61 -8.99 -2.06 5.34
C LYS B 61 -8.37 -1.53 4.05
N GLN B 62 -7.10 -1.86 3.83
CA GLN B 62 -6.38 -1.43 2.64
C GLN B 62 -6.74 -2.25 1.41
N TYR B 63 -6.53 -1.68 0.23
CA TYR B 63 -6.71 -2.42 -1.01
C TYR B 63 -5.32 -2.43 -1.62
N GLY B 64 -4.98 -3.51 -2.31
CA GLY B 64 -3.64 -3.59 -2.86
C GLY B 64 -3.50 -3.37 -4.35
N ILE B 65 -2.64 -2.42 -4.70
CA ILE B 65 -2.37 -2.12 -6.10
C ILE B 65 -0.87 -2.19 -6.34
N ILE B 66 -0.47 -3.11 -7.21
CA ILE B 66 0.94 -3.29 -7.56
C ILE B 66 1.19 -2.59 -8.90
N ASP B 67 2.29 -1.86 -9.01
CA ASP B 67 2.61 -1.15 -10.24
C ASP B 67 3.25 -2.13 -11.24
N HIS B 68 2.41 -3.00 -11.81
CA HIS B 68 2.86 -4.01 -12.76
C HIS B 68 3.58 -3.46 -13.99
N GLU B 69 4.56 -4.22 -14.46
CA GLU B 69 5.33 -3.86 -15.64
C GLU B 69 4.71 -4.56 -16.85
N PHE B 70 4.62 -3.83 -17.97
CA PHE B 70 4.02 -4.36 -19.20
C PHE B 70 4.95 -4.11 -20.38
N SER B 71 4.96 -5.02 -21.34
CA SER B 71 5.82 -4.88 -22.51
C SER B 71 5.17 -3.92 -23.51
N GLU B 72 5.89 -3.67 -24.60
CA GLU B 72 5.39 -2.77 -25.64
C GLU B 72 4.16 -3.33 -26.34
N ILE B 73 3.98 -4.65 -26.30
CA ILE B 73 2.81 -5.23 -26.95
C ILE B 73 1.72 -5.65 -25.97
N GLU B 74 1.73 -5.04 -24.80
CA GLU B 74 0.71 -5.32 -23.79
C GLU B 74 0.03 -4.00 -23.43
N THR B 75 -0.15 -3.13 -24.42
CA THR B 75 -0.78 -1.85 -24.15
C THR B 75 -2.24 -1.97 -23.75
N ARG B 76 -2.95 -2.96 -24.29
CA ARG B 76 -4.35 -3.13 -23.93
C ARG B 76 -4.45 -3.60 -22.47
N LEU B 77 -3.61 -4.56 -22.10
CA LEU B 77 -3.62 -5.07 -20.73
C LEU B 77 -3.27 -3.93 -19.76
N ASN B 78 -2.31 -3.10 -20.17
CA ASN B 78 -1.89 -1.95 -19.38
C ASN B 78 -3.09 -1.03 -19.14
N MET B 79 -3.87 -0.77 -20.18
CA MET B 79 -5.05 0.10 -20.05
C MET B 79 -6.14 -0.52 -19.18
N ILE B 80 -6.32 -1.82 -19.32
CA ILE B 80 -7.33 -2.53 -18.53
C ILE B 80 -6.95 -2.48 -17.05
N ASN B 81 -5.67 -2.67 -16.77
CA ASN B 81 -5.20 -2.62 -15.39
C ASN B 81 -5.40 -1.23 -14.82
N ASN B 82 -5.13 -0.21 -15.63
CA ASN B 82 -5.29 1.17 -15.17
C ASN B 82 -6.76 1.48 -14.89
N LYS B 83 -7.65 0.90 -15.69
CA LYS B 83 -9.08 1.10 -15.51
C LYS B 83 -9.49 0.56 -14.15
N ILE B 84 -9.03 -0.65 -13.83
CA ILE B 84 -9.34 -1.28 -12.55
C ILE B 84 -8.87 -0.40 -11.40
N ASP B 85 -7.59 -0.04 -11.42
CA ASP B 85 -7.02 0.79 -10.37
C ASP B 85 -7.72 2.13 -10.21
N ASP B 86 -8.02 2.80 -11.33
CA ASP B 86 -8.67 4.09 -11.26
C ASP B 86 -10.05 3.99 -10.62
N GLN B 87 -10.79 2.94 -10.96
CA GLN B 87 -12.12 2.78 -10.39
C GLN B 87 -12.12 2.31 -8.95
N ILE B 88 -11.16 1.46 -8.60
CA ILE B 88 -11.06 1.02 -7.20
C ILE B 88 -10.85 2.29 -6.36
N GLN B 89 -9.91 3.14 -6.78
CA GLN B 89 -9.62 4.37 -6.07
C GLN B 89 -10.83 5.32 -6.03
N ASP B 90 -11.46 5.55 -7.17
CA ASP B 90 -12.60 6.45 -7.23
C ASP B 90 -13.79 5.98 -6.41
N ILE B 91 -14.10 4.68 -6.47
CA ILE B 91 -15.22 4.17 -5.70
C ILE B 91 -14.98 4.28 -4.19
N TRP B 92 -13.80 3.88 -3.73
CA TRP B 92 -13.51 3.95 -2.30
C TRP B 92 -13.42 5.38 -1.80
N THR B 93 -12.88 6.28 -2.61
CA THR B 93 -12.80 7.68 -2.21
C THR B 93 -14.21 8.24 -2.08
N TYR B 94 -15.09 7.87 -3.01
CA TYR B 94 -16.47 8.31 -2.96
C TYR B 94 -17.14 7.77 -1.69
N ASN B 95 -16.92 6.48 -1.42
CA ASN B 95 -17.53 5.86 -0.25
C ASN B 95 -17.08 6.55 1.04
N ALA B 96 -15.78 6.86 1.11
CA ALA B 96 -15.22 7.52 2.29
C ALA B 96 -15.73 8.94 2.45
N GLU B 97 -15.68 9.72 1.39
CA GLU B 97 -16.15 11.11 1.45
C GLU B 97 -17.62 11.19 1.81
N LEU B 98 -18.46 10.37 1.16
CA LEU B 98 -19.88 10.41 1.43
C LEU B 98 -20.23 9.95 2.83
N LEU B 99 -19.57 8.91 3.31
CA LEU B 99 -19.84 8.41 4.65
C LEU B 99 -19.60 9.52 5.67
N VAL B 100 -18.48 10.23 5.51
CA VAL B 100 -18.15 11.31 6.43
C VAL B 100 -19.15 12.46 6.34
N LEU B 101 -19.48 12.89 5.12
CA LEU B 101 -20.44 13.98 4.93
C LEU B 101 -21.82 13.65 5.52
N LEU B 102 -22.29 12.44 5.26
CA LEU B 102 -23.61 12.03 5.72
C LEU B 102 -23.68 11.78 7.22
N GLU B 103 -22.66 11.11 7.77
CA GLU B 103 -22.65 10.88 9.20
C GLU B 103 -22.46 12.21 9.95
N ASN B 104 -21.75 13.16 9.35
CA ASN B 104 -21.56 14.45 10.00
C ASN B 104 -22.91 15.12 10.21
N GLN B 105 -23.78 15.04 9.20
CA GLN B 105 -25.09 15.64 9.34
C GLN B 105 -25.85 14.98 10.48
N LYS B 106 -25.80 13.65 10.53
CA LYS B 106 -26.50 12.91 11.57
C LYS B 106 -25.97 13.25 12.95
N THR B 107 -24.66 13.36 13.07
CA THR B 107 -24.03 13.67 14.35
C THR B 107 -24.48 15.04 14.86
N LEU B 108 -24.47 16.04 13.99
CA LEU B 108 -24.89 17.38 14.36
C LEU B 108 -26.36 17.39 14.77
N ASP B 109 -27.19 16.67 14.03
CA ASP B 109 -28.60 16.62 14.34
C ASP B 109 -28.88 15.82 15.59
N GLU B 110 -28.05 14.83 15.90
CA GLU B 110 -28.28 14.05 17.10
C GLU B 110 -28.02 14.92 18.32
N HIS B 111 -27.03 15.82 18.25
CA HIS B 111 -26.76 16.72 19.37
C HIS B 111 -27.96 17.64 19.55
N ASP B 112 -28.51 18.10 18.43
CA ASP B 112 -29.68 18.98 18.44
C ASP B 112 -30.83 18.25 19.13
N ALA B 113 -31.04 16.99 18.76
CA ALA B 113 -32.10 16.19 19.37
C ALA B 113 -31.90 16.01 20.87
N ASN B 114 -30.65 15.79 21.30
CA ASN B 114 -30.39 15.61 22.72
C ASN B 114 -30.74 16.86 23.52
N VAL B 115 -30.46 18.02 22.96
CA VAL B 115 -30.80 19.28 23.64
C VAL B 115 -32.32 19.42 23.66
N ASN B 116 -32.97 19.08 22.55
CA ASN B 116 -34.41 19.18 22.46
C ASN B 116 -35.08 18.25 23.49
N ASN B 117 -34.56 17.03 23.60
CA ASN B 117 -35.12 16.06 24.53
C ASN B 117 -34.93 16.47 25.99
N LEU B 118 -33.79 17.08 26.30
CA LEU B 118 -33.52 17.54 27.66
C LEU B 118 -34.50 18.67 27.99
N TYR B 119 -34.65 19.61 27.05
CA TYR B 119 -35.57 20.72 27.23
C TYR B 119 -37.01 20.22 27.45
N ASN B 120 -37.45 19.28 26.62
CA ASN B 120 -38.80 18.76 26.77
C ASN B 120 -39.02 17.99 28.07
N LYS B 121 -37.96 17.36 28.56
CA LYS B 121 -38.02 16.61 29.81
C LYS B 121 -38.30 17.58 30.95
N VAL B 122 -37.59 18.69 30.97
CA VAL B 122 -37.78 19.70 32.01
C VAL B 122 -39.16 20.33 31.87
N LYS B 123 -39.54 20.67 30.64
CA LYS B 123 -40.84 21.29 30.41
C LYS B 123 -41.95 20.41 30.99
N ARG B 124 -41.86 19.11 30.71
CA ARG B 124 -42.86 18.17 31.20
C ARG B 124 -42.88 18.08 32.72
N ALA B 125 -41.70 18.11 33.33
CA ALA B 125 -41.59 18.02 34.77
C ALA B 125 -42.18 19.24 35.48
N LEU B 126 -41.94 20.43 34.91
CA LEU B 126 -42.43 21.67 35.49
C LEU B 126 -43.94 21.88 35.36
N GLY B 127 -44.52 21.41 34.25
CA GLY B 127 -45.94 21.56 34.06
C GLY B 127 -46.40 23.01 34.07
N SER B 128 -47.47 23.29 34.80
CA SER B 128 -48.01 24.64 34.87
C SER B 128 -47.31 25.51 35.92
N ASN B 129 -46.20 25.03 36.47
CA ASN B 129 -45.43 25.77 37.48
C ASN B 129 -44.44 26.73 36.84
N ALA B 130 -44.36 26.71 35.51
CA ALA B 130 -43.45 27.60 34.80
C ALA B 130 -43.96 27.98 33.43
N MET B 131 -43.42 29.06 32.88
CA MET B 131 -43.79 29.50 31.55
C MET B 131 -42.51 29.57 30.73
N GLU B 132 -42.60 29.18 29.46
CA GLU B 132 -41.46 29.19 28.55
C GLU B 132 -41.22 30.61 28.06
N ASP B 133 -39.98 31.06 28.08
CA ASP B 133 -39.68 32.40 27.60
C ASP B 133 -39.40 32.35 26.09
N GLY B 134 -39.42 31.14 25.54
CA GLY B 134 -39.18 30.97 24.11
C GLY B 134 -37.74 30.98 23.67
N LYS B 135 -36.82 31.09 24.62
CA LYS B 135 -35.40 31.13 24.30
C LYS B 135 -34.61 30.01 24.97
N GLY B 136 -35.32 29.05 25.55
CA GLY B 136 -34.66 27.94 26.21
C GLY B 136 -34.80 27.98 27.73
N CYS B 137 -35.45 29.01 28.25
CA CYS B 137 -35.63 29.14 29.69
C CYS B 137 -37.06 28.94 30.18
N PHE B 138 -37.17 28.56 31.44
CA PHE B 138 -38.45 28.36 32.09
C PHE B 138 -38.54 29.32 33.29
N GLU B 139 -39.47 30.26 33.23
CA GLU B 139 -39.68 31.22 34.30
C GLU B 139 -40.61 30.60 35.32
N LEU B 140 -40.06 30.24 36.47
CA LEU B 140 -40.83 29.60 37.53
C LEU B 140 -41.84 30.54 38.19
N TYR B 141 -43.01 29.99 38.53
CA TYR B 141 -44.07 30.77 39.16
C TYR B 141 -43.95 30.81 40.67
N HIS B 142 -42.94 30.13 41.19
CA HIS B 142 -42.70 30.08 42.63
C HIS B 142 -41.21 30.22 42.88
N LYS B 143 -40.84 30.65 44.08
CA LYS B 143 -39.44 30.79 44.42
C LYS B 143 -38.82 29.41 44.39
N CYS B 144 -37.60 29.32 43.86
CA CYS B 144 -36.91 28.05 43.73
C CYS B 144 -35.44 28.20 44.10
N ASP B 145 -35.10 27.80 45.32
CA ASP B 145 -33.72 27.90 45.79
C ASP B 145 -32.88 26.77 45.22
N ASP B 146 -31.58 26.78 45.55
CA ASP B 146 -30.66 25.77 45.02
C ASP B 146 -31.11 24.32 45.17
N GLN B 147 -31.73 23.98 46.30
CA GLN B 147 -32.19 22.61 46.49
C GLN B 147 -33.36 22.32 45.55
N CYS B 148 -34.19 23.34 45.33
CA CYS B 148 -35.33 23.20 44.44
C CYS B 148 -34.79 23.00 43.03
N MET B 149 -33.83 23.84 42.64
CA MET B 149 -33.21 23.75 41.33
C MET B 149 -32.62 22.36 41.09
N GLU B 150 -32.03 21.78 42.13
CA GLU B 150 -31.42 20.46 41.99
C GLU B 150 -32.45 19.37 41.69
N THR B 151 -33.66 19.48 42.23
CA THR B 151 -34.68 18.48 41.96
C THR B 151 -35.10 18.56 40.49
N ILE B 152 -34.97 19.73 39.90
CA ILE B 152 -35.31 19.91 38.50
C ILE B 152 -34.22 19.25 37.66
N ARG B 153 -32.97 19.52 38.00
CA ARG B 153 -31.84 18.94 37.27
C ARG B 153 -31.80 17.43 37.36
N ASN B 154 -31.99 16.86 38.56
CA ASN B 154 -31.94 15.41 38.69
C ASN B 154 -33.26 14.70 38.45
N GLY B 155 -34.25 15.44 37.96
CA GLY B 155 -35.54 14.87 37.65
C GLY B 155 -36.44 14.36 38.77
N THR B 156 -36.47 15.08 39.90
CA THR B 156 -37.32 14.67 41.01
C THR B 156 -38.21 15.82 41.46
N TYR B 157 -38.31 16.84 40.61
CA TYR B 157 -39.12 18.02 40.91
C TYR B 157 -40.53 17.61 41.34
N ASN B 158 -40.97 18.16 42.46
CA ASN B 158 -42.29 17.86 43.00
C ASN B 158 -43.31 18.94 42.64
N ARG B 159 -44.13 18.65 41.63
CA ARG B 159 -45.17 19.54 41.13
C ARG B 159 -45.38 19.24 39.65
N ARG B 160 -44.87 18.10 39.20
CA ARG B 160 -44.98 17.68 37.81
C ARG B 160 -46.39 17.17 37.51
C1 NAG C . 30.92 -36.24 -22.53
C2 NAG C . 29.40 -36.36 -22.40
C3 NAG C . 29.06 -37.48 -21.41
C4 NAG C . 29.79 -38.79 -21.76
C5 NAG C . 31.28 -38.53 -21.96
C6 NAG C . 32.02 -39.76 -22.45
C7 NAG C . 28.06 -34.37 -22.72
C8 NAG C . 27.72 -32.97 -22.23
N2 NAG C . 28.85 -35.10 -21.94
O3 NAG C . 27.66 -37.69 -21.39
O4 NAG C . 29.60 -39.74 -20.70
O5 NAG C . 31.49 -37.50 -22.94
O6 NAG C . 31.76 -40.00 -23.82
O7 NAG C . 27.63 -34.77 -23.79
C1 NAG C . 29.07 -40.97 -21.07
C2 NAG C . 29.21 -41.97 -19.90
C3 NAG C . 28.48 -43.27 -20.22
C4 NAG C . 27.04 -43.01 -20.65
C5 NAG C . 27.02 -41.99 -21.80
C6 NAG C . 25.61 -41.61 -22.23
C7 NAG C . 31.40 -41.36 -19.06
C8 NAG C . 32.74 -41.07 -19.70
N2 NAG C . 30.62 -42.25 -19.66
O3 NAG C . 28.48 -44.10 -19.05
O4 NAG C . 26.44 -44.23 -21.09
O5 NAG C . 27.68 -40.77 -21.38
O6 NAG C . 25.10 -40.54 -21.46
O7 NAG C . 31.07 -40.77 -18.03
C1 NAG D . 6.30 1.97 13.70
C2 NAG D . 7.37 2.56 14.64
C3 NAG D . 8.52 1.58 14.82
C4 NAG D . 8.04 0.19 15.19
C5 NAG D . 6.96 -0.28 14.21
C6 NAG D . 6.36 -1.62 14.63
C7 NAG D . 7.52 4.96 14.62
C8 NAG D . 6.72 5.91 13.75
N2 NAG D . 7.87 3.80 14.09
O3 NAG D . 9.38 2.07 15.84
O4 NAG D . 9.14 -0.74 15.14
O5 NAG D . 5.88 0.68 14.17
O6 NAG D . 5.00 -1.71 14.26
O7 NAG D . 7.82 5.28 15.77
C1 NAG D . 9.69 -1.11 16.35
C2 NAG D . 9.90 -2.63 16.35
C3 NAG D . 10.58 -3.05 17.65
C4 NAG D . 11.89 -2.28 17.83
C5 NAG D . 11.63 -0.76 17.73
C6 NAG D . 12.90 0.06 17.77
C7 NAG D . 8.55 -4.42 15.49
C8 NAG D . 7.90 -5.63 16.17
N2 NAG D . 8.63 -3.31 16.20
O3 NAG D . 10.85 -4.45 17.61
O4 NAG D . 12.47 -2.58 19.09
O5 NAG D . 10.96 -0.45 16.49
O6 NAG D . 13.64 -0.20 18.95
O7 NAG D . 8.97 -4.52 14.34
C1 NAG E . -2.23 14.82 1.55
C2 NAG E . -1.89 15.60 0.24
C3 NAG E . -1.39 17.04 0.48
C4 NAG E . -2.34 17.70 1.44
C5 NAG E . -2.22 16.93 2.75
C6 NAG E . -2.88 17.60 3.93
C7 NAG E . -1.20 14.27 -1.65
C8 NAG E . -0.32 13.12 -2.09
N2 NAG E . -0.88 14.88 -0.51
O3 NAG E . -1.39 17.75 -0.76
O4 NAG E . -2.11 19.12 1.60
O5 NAG E . -2.84 15.65 2.56
O6 NAG E . -4.17 18.09 3.60
O7 NAG E . -2.17 14.61 -2.34
C1 NAG E . -0.86 19.66 1.78
C2 NAG E . -0.93 21.14 1.39
C3 NAG E . 0.31 21.93 1.83
C4 NAG E . 0.57 21.68 3.32
C5 NAG E . 0.70 20.18 3.54
C6 NAG E . 0.98 19.83 4.99
C7 NAG E . -2.29 21.25 -0.60
C8 NAG E . -2.95 22.60 -0.86
N2 NAG E . -1.07 21.26 -0.05
O3 NAG E . 0.10 23.32 1.61
O4 NAG E . 1.76 22.35 3.72
O5 NAG E . -0.53 19.52 3.18
O6 NAG E . -0.21 19.92 5.77
O7 NAG E . -2.88 20.21 -0.90
C1 NAG F . -32.28 15.33 43.66
C2 NAG F . -31.86 14.02 44.36
C3 NAG F . -32.53 13.90 45.73
C4 NAG F . -32.32 15.16 46.57
C5 NAG F . -32.73 16.40 45.76
C6 NAG F . -32.42 17.69 46.50
C7 NAG F . -31.34 12.27 42.78
C8 NAG F . -31.88 11.33 41.71
N2 NAG F . -32.24 12.87 43.55
O3 NAG F . -32.01 12.78 46.42
O4 NAG F . -33.12 15.08 47.76
O5 NAG F . -31.99 16.44 44.52
O6 NAG F . -31.03 17.97 46.48
O7 NAG F . -30.12 12.43 42.90
C1 NAG F . -32.44 15.12 48.97
C2 NAG F . -33.40 15.59 50.08
C3 NAG F . -32.73 15.49 51.45
C4 NAG F . -32.11 14.11 51.66
C5 NAG F . -31.20 13.76 50.48
C6 NAG F . -30.62 12.36 50.60
C7 NAG F . -35.08 17.26 49.62
C8 NAG F . -35.80 18.01 50.72
N2 NAG F . -33.80 16.96 49.82
O3 NAG F . -33.70 15.73 52.46
O4 NAG F . -31.35 14.11 52.86
O5 NAG F . -31.95 13.81 49.25
O6 NAG F . -29.46 12.36 51.42
O7 NAG F . -35.68 16.96 48.59
C1 NAG G . -12.04 32.33 23.97
C2 NAG G . -11.11 32.53 25.17
C3 NAG G . -11.41 33.88 25.83
C4 NAG G . -11.30 35.00 24.78
C5 NAG G . -12.22 34.69 23.60
C6 NAG G . -12.14 35.72 22.49
C7 NAG G . -10.37 30.53 26.26
C8 NAG G . -10.53 29.26 25.42
N2 NAG G . -11.30 31.47 26.13
O3 NAG G . -10.47 34.11 26.87
O4 NAG G . -11.67 36.24 25.37
O5 NAG G . -11.88 33.40 23.03
O6 NAG G . -10.97 35.52 21.69
O7 NAG G . -9.41 30.65 27.00
P PO4 H . -27.43 7.35 4.79
O1 PO4 H . -27.55 6.50 5.98
O2 PO4 H . -28.73 7.56 4.13
O3 PO4 H . -26.84 8.67 5.12
O4 PO4 H . -26.53 6.67 3.82
#